data_5IRB
#
_entry.id   5IRB
#
_cell.length_a   85.601
_cell.length_b   247.023
_cell.length_c   84.255
_cell.angle_alpha   90.00
_cell.angle_beta   90.00
_cell.angle_gamma   90.00
#
_symmetry.space_group_name_H-M   'C 2 2 21'
#
loop_
_entity.id
_entity.type
_entity.pdbx_description
1 polymer RTX-adhesin
2 non-polymer 'CALCIUM ION'
3 non-polymer 'MAGNESIUM ION'
4 non-polymer 1,2-ETHANEDIOL
5 water water
#
_entity_poly.entity_id   1
_entity_poly.type   'polypeptide(L)'
_entity_poly.pdbx_seq_one_letter_code
;LNQSPLLINLDIDPVTGDSVINAAEAGGTVTLTGVVNGDVFSSGVVTLVINGVTYSTNVNPNGTWSVSVAGSDLSADSDR
IVDASVVVTNGAGQQGTADSTESFIVKTSSRATIRVNSITSDDVVNAEESNSTITVSGRVGLDASAGDTVSMTINGTLYT
TVVLANKTWSVGVSGSDLAQDNSFQVSVTGQDSAGNPYAGTTTSTHTVDTSADAGTVTVNAITSDDVINASEAAGTVAVS
GTATGGDIAEGDTVTLEINGETYTTTVDANGEWSVDVAGSDLAADTAFDAVVTSSDAAGNTVDTTGSSTHTVDLEHHHHH
H
;
_entity_poly.pdbx_strand_id   A,B
#
# COMPACT_ATOMS: atom_id res chain seq x y z
N LEU A 1 -40.76 -58.06 -25.36
CA LEU A 1 -39.55 -58.01 -26.17
C LEU A 1 -39.95 -57.20 -27.39
N ASN A 2 -41.10 -57.56 -27.96
CA ASN A 2 -41.92 -56.62 -28.73
C ASN A 2 -43.15 -56.16 -27.95
N GLN A 3 -43.48 -56.87 -26.87
CA GLN A 3 -44.63 -56.48 -26.05
C GLN A 3 -44.23 -55.97 -24.68
N SER A 4 -42.97 -56.17 -24.30
CA SER A 4 -42.43 -55.79 -22.99
C SER A 4 -42.33 -54.30 -22.72
N PRO A 5 -42.36 -53.91 -21.44
CA PRO A 5 -42.09 -52.49 -21.12
C PRO A 5 -40.67 -52.19 -21.57
N LEU A 6 -40.38 -50.98 -22.02
CA LEU A 6 -38.98 -50.67 -22.31
C LEU A 6 -38.22 -50.33 -21.03
N LEU A 7 -37.01 -50.87 -20.91
CA LEU A 7 -36.16 -50.59 -19.75
C LEU A 7 -35.15 -49.46 -20.10
N ILE A 8 -35.34 -48.29 -19.52
CA ILE A 8 -34.46 -47.14 -19.75
C ILE A 8 -33.90 -46.50 -18.47
N ASN A 9 -32.86 -45.70 -18.66
CA ASN A 9 -32.19 -44.98 -17.59
C ASN A 9 -32.13 -43.49 -17.94
N LEU A 10 -32.41 -42.63 -16.98
CA LEU A 10 -32.45 -41.19 -17.22
C LEU A 10 -31.37 -40.49 -16.41
N ASP A 11 -30.51 -39.74 -17.08
CA ASP A 11 -29.47 -38.98 -16.40
C ASP A 11 -29.60 -37.52 -16.69
N ILE A 12 -29.29 -36.71 -15.67
CA ILE A 12 -29.24 -35.26 -15.78
C ILE A 12 -27.78 -34.86 -15.63
N ASP A 13 -27.28 -34.06 -16.57
CA ASP A 13 -25.92 -33.53 -16.47
C ASP A 13 -25.82 -32.54 -15.32
N PRO A 14 -24.60 -32.35 -14.78
CA PRO A 14 -24.39 -31.34 -13.73
C PRO A 14 -24.95 -29.98 -14.14
N VAL A 15 -25.67 -29.35 -13.22
CA VAL A 15 -26.33 -28.08 -13.51
C VAL A 15 -25.34 -26.95 -13.83
N THR A 16 -25.50 -26.38 -15.03
CA THR A 16 -24.56 -25.44 -15.65
C THR A 16 -23.11 -25.95 -15.69
N GLY A 17 -22.93 -27.27 -15.78
CA GLY A 17 -21.60 -27.83 -15.82
C GLY A 17 -20.85 -27.92 -14.49
N ASP A 18 -20.87 -26.86 -13.69
CA ASP A 18 -20.19 -26.90 -12.39
C ASP A 18 -21.07 -27.22 -11.18
N SER A 19 -22.35 -27.53 -11.43
CA SER A 19 -23.30 -27.87 -10.35
C SER A 19 -23.60 -26.69 -9.40
N VAL A 20 -23.21 -25.47 -9.79
CA VAL A 20 -23.39 -24.28 -8.96
C VAL A 20 -24.18 -23.21 -9.69
N ILE A 21 -25.22 -22.72 -9.02
CA ILE A 21 -26.00 -21.60 -9.53
C ILE A 21 -25.61 -20.30 -8.81
N ASN A 22 -25.05 -19.35 -9.56
CA ASN A 22 -24.63 -18.08 -8.99
C ASN A 22 -25.67 -17.01 -9.28
N ALA A 23 -25.40 -15.77 -8.87
CA ALA A 23 -26.33 -14.66 -9.00
C ALA A 23 -26.72 -14.42 -10.44
N ALA A 24 -25.72 -14.39 -11.32
CA ALA A 24 -25.98 -14.10 -12.72
C ALA A 24 -26.81 -15.21 -13.37
N GLU A 25 -26.48 -16.46 -13.04
CA GLU A 25 -27.24 -17.60 -13.56
C GLU A 25 -28.67 -17.56 -13.05
N ALA A 26 -28.83 -17.34 -11.75
CA ALA A 26 -30.15 -17.20 -11.12
C ALA A 26 -31.01 -16.10 -11.73
N GLY A 27 -30.38 -15.01 -12.18
CA GLY A 27 -31.12 -13.93 -12.76
C GLY A 27 -31.51 -14.09 -14.22
N GLY A 28 -31.16 -15.22 -14.84
CA GLY A 28 -31.53 -15.42 -16.24
C GLY A 28 -32.14 -16.79 -16.51
N THR A 29 -32.03 -17.25 -17.75
CA THR A 29 -32.47 -18.59 -18.07
C THR A 29 -31.26 -19.54 -18.12
N VAL A 30 -31.50 -20.80 -17.76
CA VAL A 30 -30.45 -21.80 -17.64
C VAL A 30 -30.82 -23.04 -18.48
N THR A 31 -29.84 -23.63 -19.14
CA THR A 31 -30.03 -24.85 -19.92
C THR A 31 -29.60 -26.07 -19.15
N LEU A 32 -30.57 -26.95 -18.88
CA LEU A 32 -30.31 -28.22 -18.23
C LEU A 32 -30.33 -29.27 -19.31
N THR A 33 -29.52 -30.32 -19.14
CA THR A 33 -29.30 -31.28 -20.21
C THR A 33 -29.15 -32.66 -19.59
N GLY A 34 -29.32 -33.69 -20.41
CA GLY A 34 -29.02 -35.03 -19.97
C GLY A 34 -29.14 -36.02 -21.09
N VAL A 35 -29.27 -37.29 -20.70
CA VAL A 35 -29.32 -38.38 -21.66
C VAL A 35 -30.34 -39.41 -21.17
N VAL A 36 -30.95 -40.11 -22.12
CA VAL A 36 -31.78 -41.28 -21.83
C VAL A 36 -31.05 -42.47 -22.43
N ASN A 37 -30.81 -43.51 -21.65
CA ASN A 37 -30.06 -44.65 -22.13
C ASN A 37 -30.89 -45.91 -22.00
N GLY A 38 -30.40 -47.04 -22.47
CA GLY A 38 -31.13 -48.26 -22.23
C GLY A 38 -31.63 -48.82 -23.53
N ASP A 39 -32.82 -49.38 -23.52
CA ASP A 39 -33.46 -49.85 -24.76
C ASP A 39 -33.57 -48.76 -25.82
N VAL A 40 -33.54 -49.19 -27.07
CA VAL A 40 -33.75 -48.33 -28.23
C VAL A 40 -35.17 -47.77 -28.25
N PHE A 41 -35.32 -46.53 -28.69
CA PHE A 41 -36.63 -45.88 -28.75
C PHE A 41 -36.61 -44.84 -29.87
N SER A 42 -37.79 -44.40 -30.33
CA SER A 42 -37.84 -43.47 -31.44
C SER A 42 -38.31 -42.07 -31.07
N SER A 43 -38.85 -41.91 -29.85
CA SER A 43 -39.10 -40.58 -29.30
C SER A 43 -39.28 -40.69 -27.80
N GLY A 44 -39.25 -39.55 -27.13
CA GLY A 44 -39.48 -39.50 -25.70
C GLY A 44 -39.77 -38.11 -25.19
N VAL A 45 -40.35 -38.03 -24.00
CA VAL A 45 -40.69 -36.78 -23.34
C VAL A 45 -40.07 -36.75 -21.96
N VAL A 46 -39.11 -35.84 -21.76
CA VAL A 46 -38.55 -35.56 -20.43
C VAL A 46 -39.32 -34.47 -19.70
N THR A 47 -39.74 -34.79 -18.48
CA THR A 47 -40.41 -33.85 -17.60
C THR A 47 -39.52 -33.53 -16.39
N LEU A 48 -39.32 -32.23 -16.14
CA LEU A 48 -38.53 -31.75 -15.01
C LEU A 48 -39.41 -30.95 -14.09
N VAL A 49 -39.22 -31.08 -12.78
CA VAL A 49 -39.93 -30.21 -11.85
C VAL A 49 -38.94 -29.46 -10.99
N ILE A 50 -39.11 -28.14 -10.91
CA ILE A 50 -38.20 -27.29 -10.16
C ILE A 50 -39.01 -26.17 -9.56
N ASN A 51 -38.90 -26.06 -8.24
CA ASN A 51 -39.62 -25.02 -7.48
C ASN A 51 -41.13 -25.11 -7.77
N GLY A 52 -41.63 -26.35 -7.86
CA GLY A 52 -43.01 -26.60 -8.26
C GLY A 52 -43.39 -26.32 -9.71
N VAL A 53 -42.40 -25.99 -10.53
CA VAL A 53 -42.69 -25.60 -11.91
C VAL A 53 -42.23 -26.72 -12.82
N THR A 54 -43.09 -27.12 -13.76
CA THR A 54 -42.80 -28.18 -14.71
C THR A 54 -42.19 -27.64 -15.99
N TYR A 55 -41.07 -28.24 -16.40
CA TYR A 55 -40.50 -27.99 -17.72
C TYR A 55 -40.49 -29.30 -18.49
N SER A 56 -40.58 -29.20 -19.81
CA SER A 56 -40.66 -30.36 -20.69
C SER A 56 -39.86 -30.20 -21.96
N THR A 57 -39.37 -31.30 -22.49
CA THR A 57 -38.70 -31.26 -23.77
C THR A 57 -38.70 -32.63 -24.44
N ASN A 58 -38.24 -32.66 -25.69
CA ASN A 58 -38.08 -33.91 -26.45
C ASN A 58 -36.75 -34.53 -26.18
N VAL A 59 -36.60 -35.81 -26.53
CA VAL A 59 -35.26 -36.39 -26.53
C VAL A 59 -34.81 -36.56 -27.98
N ASN A 60 -33.58 -36.16 -28.23
CA ASN A 60 -32.97 -36.15 -29.53
C ASN A 60 -32.73 -37.58 -30.01
N PRO A 61 -32.53 -37.75 -31.32
CA PRO A 61 -32.41 -39.15 -31.75
C PRO A 61 -31.21 -39.82 -31.08
N ASN A 62 -30.17 -39.07 -30.75
CA ASN A 62 -29.02 -39.64 -30.05
C ASN A 62 -29.22 -39.80 -28.54
N GLY A 63 -30.47 -39.74 -28.08
CA GLY A 63 -30.70 -39.96 -26.66
C GLY A 63 -30.50 -38.77 -25.74
N THR A 64 -29.89 -37.69 -26.24
CA THR A 64 -29.69 -36.51 -25.41
C THR A 64 -30.93 -35.63 -25.38
N TRP A 65 -30.95 -34.70 -24.42
CA TRP A 65 -32.03 -33.73 -24.33
C TRP A 65 -31.51 -32.50 -23.62
N SER A 66 -32.24 -31.40 -23.78
CA SER A 66 -31.81 -30.11 -23.30
C SER A 66 -33.04 -29.22 -23.22
N VAL A 67 -33.13 -28.41 -22.17
CA VAL A 67 -34.32 -27.61 -21.91
C VAL A 67 -33.98 -26.33 -21.14
N SER A 68 -34.58 -25.23 -21.58
CA SER A 68 -34.46 -23.94 -20.92
C SER A 68 -35.34 -23.85 -19.67
N VAL A 69 -34.73 -23.47 -18.53
CA VAL A 69 -35.50 -23.28 -17.30
C VAL A 69 -35.19 -21.93 -16.66
N ALA A 70 -36.10 -21.42 -15.83
CA ALA A 70 -35.84 -20.17 -15.12
C ALA A 70 -34.77 -20.35 -14.03
N GLY A 71 -33.71 -19.56 -14.11
CA GLY A 71 -32.74 -19.53 -13.02
C GLY A 71 -33.40 -19.29 -11.66
N SER A 72 -34.47 -18.51 -11.65
CA SER A 72 -35.17 -18.15 -10.41
C SER A 72 -35.80 -19.37 -9.76
N ASP A 73 -36.29 -20.31 -10.59
CA ASP A 73 -36.82 -21.56 -10.08
C ASP A 73 -35.73 -22.43 -9.50
N LEU A 74 -34.57 -22.47 -10.14
CA LEU A 74 -33.45 -23.21 -9.59
C LEU A 74 -33.00 -22.58 -8.25
N SER A 75 -32.90 -21.26 -8.24
CA SER A 75 -32.44 -20.57 -7.05
C SER A 75 -33.42 -20.74 -5.87
N ALA A 76 -34.71 -20.73 -6.19
CA ALA A 76 -35.77 -20.87 -5.19
C ALA A 76 -36.07 -22.32 -4.77
N ASP A 77 -35.64 -23.29 -5.57
CA ASP A 77 -36.04 -24.68 -5.33
C ASP A 77 -35.60 -25.13 -3.93
N SER A 78 -36.59 -25.46 -3.11
CA SER A 78 -36.36 -25.64 -1.67
C SER A 78 -35.27 -26.65 -1.34
N ASP A 79 -35.25 -27.81 -1.99
CA ASP A 79 -34.23 -28.79 -1.60
C ASP A 79 -33.01 -28.80 -2.52
N ARG A 80 -32.93 -27.84 -3.44
CA ARG A 80 -31.83 -27.80 -4.41
C ARG A 80 -31.68 -29.15 -5.14
N ILE A 81 -32.83 -29.73 -5.50
CA ILE A 81 -32.86 -30.96 -6.29
C ILE A 81 -33.83 -30.80 -7.44
N VAL A 82 -33.34 -31.10 -8.64
CA VAL A 82 -34.18 -31.20 -9.82
C VAL A 82 -34.80 -32.62 -9.84
N ASP A 83 -36.13 -32.72 -9.86
CA ASP A 83 -36.79 -34.02 -10.07
C ASP A 83 -37.12 -34.20 -11.56
N ALA A 84 -36.78 -35.36 -12.10
CA ALA A 84 -36.99 -35.58 -13.52
C ALA A 84 -37.63 -36.94 -13.79
N SER A 85 -38.45 -36.99 -14.81
CA SER A 85 -38.92 -38.28 -15.31
C SER A 85 -39.02 -38.29 -16.83
N VAL A 86 -39.02 -39.49 -17.41
CA VAL A 86 -39.09 -39.62 -18.86
C VAL A 86 -40.05 -40.76 -19.25
N VAL A 87 -40.81 -40.56 -20.32
CA VAL A 87 -41.46 -41.67 -21.02
C VAL A 87 -40.96 -41.69 -22.46
N VAL A 88 -40.62 -42.88 -22.96
CA VAL A 88 -40.14 -43.05 -24.33
C VAL A 88 -41.01 -44.07 -25.09
N THR A 89 -41.00 -43.99 -26.41
CA THR A 89 -41.78 -44.88 -27.27
C THR A 89 -40.90 -45.39 -28.38
N ASN A 90 -41.06 -46.64 -28.79
CA ASN A 90 -40.34 -47.13 -29.96
C ASN A 90 -41.27 -47.33 -31.15
N GLY A 91 -40.69 -47.73 -32.27
CA GLY A 91 -41.44 -48.00 -33.48
C GLY A 91 -42.65 -48.92 -33.34
N ALA A 92 -42.50 -50.02 -32.61
CA ALA A 92 -43.62 -50.93 -32.35
C ALA A 92 -44.68 -50.42 -31.36
N GLY A 93 -44.46 -49.24 -30.76
CA GLY A 93 -45.42 -48.70 -29.82
C GLY A 93 -45.23 -49.19 -28.39
N GLN A 94 -44.12 -49.90 -28.15
CA GLN A 94 -43.70 -50.16 -26.77
C GLN A 94 -43.33 -48.87 -26.11
N GLN A 95 -43.61 -48.75 -24.82
CA GLN A 95 -43.12 -47.64 -24.01
C GLN A 95 -42.31 -48.05 -22.79
N GLY A 96 -41.60 -47.07 -22.22
CA GLY A 96 -40.83 -47.26 -21.01
C GLY A 96 -40.76 -45.94 -20.25
N THR A 97 -40.70 -46.02 -18.92
CA THR A 97 -40.58 -44.84 -18.08
C THR A 97 -39.36 -44.95 -17.17
N ALA A 98 -38.78 -43.81 -16.80
CA ALA A 98 -37.79 -43.79 -15.72
C ALA A 98 -37.82 -42.46 -14.96
N ASP A 99 -37.18 -42.44 -13.79
CA ASP A 99 -37.07 -41.26 -12.93
C ASP A 99 -35.63 -40.90 -12.70
N SER A 100 -35.38 -39.68 -12.25
CA SER A 100 -34.03 -39.32 -11.87
C SER A 100 -34.07 -38.03 -11.04
N THR A 101 -32.97 -37.74 -10.36
CA THR A 101 -32.85 -36.49 -9.65
C THR A 101 -31.45 -35.95 -9.89
N GLU A 102 -31.30 -34.64 -9.66
CA GLU A 102 -30.02 -33.96 -9.75
C GLU A 102 -29.98 -32.86 -8.70
N SER A 103 -29.07 -33.00 -7.76
CA SER A 103 -28.83 -31.97 -6.77
C SER A 103 -27.84 -30.94 -7.29
N PHE A 104 -27.91 -29.74 -6.73
CA PHE A 104 -27.03 -28.66 -7.15
C PHE A 104 -26.84 -27.73 -5.97
N ILE A 105 -25.90 -26.80 -6.13
CA ILE A 105 -25.61 -25.78 -5.10
C ILE A 105 -26.05 -24.39 -5.56
N VAL A 106 -26.70 -23.66 -4.67
CA VAL A 106 -27.02 -22.25 -4.93
C VAL A 106 -26.12 -21.35 -4.05
N LYS A 107 -25.37 -20.48 -4.71
CA LYS A 107 -24.43 -19.53 -4.13
C LYS A 107 -24.52 -18.22 -4.89
N THR A 108 -25.42 -17.35 -4.48
CA THR A 108 -25.69 -16.16 -5.26
C THR A 108 -25.10 -14.89 -4.65
N SER A 109 -24.57 -14.97 -3.43
CA SER A 109 -23.75 -13.89 -2.89
C SER A 109 -22.76 -14.37 -1.84
N SER A 110 -21.90 -13.45 -1.42
CA SER A 110 -20.88 -13.73 -0.42
C SER A 110 -20.75 -12.47 0.44
N ARG A 111 -20.15 -12.60 1.61
CA ARG A 111 -20.06 -11.45 2.52
C ARG A 111 -18.60 -11.11 2.74
N ALA A 112 -18.31 -9.82 2.69
CA ALA A 112 -16.96 -9.32 2.89
C ALA A 112 -17.00 -8.23 3.95
N THR A 113 -16.05 -8.27 4.88
CA THR A 113 -15.96 -7.23 5.88
C THR A 113 -14.63 -6.50 5.75
N ILE A 114 -14.53 -5.32 6.37
CA ILE A 114 -13.27 -4.56 6.41
C ILE A 114 -13.26 -3.73 7.69
N ARG A 115 -12.12 -3.68 8.36
CA ARG A 115 -11.93 -2.73 9.44
C ARG A 115 -10.68 -1.86 9.16
N VAL A 116 -10.68 -0.65 9.73
CA VAL A 116 -9.58 0.29 9.63
C VAL A 116 -9.06 0.62 11.03
N ASN A 117 -7.76 0.45 11.21
CA ASN A 117 -7.06 0.75 12.45
C ASN A 117 -7.06 2.25 12.76
N SER A 118 -6.57 2.62 13.92
CA SER A 118 -6.47 4.04 14.25
C SER A 118 -5.53 4.79 13.28
N ILE A 119 -5.89 6.05 13.00
CA ILE A 119 -5.08 7.00 12.22
C ILE A 119 -3.95 7.57 13.08
N THR A 120 -2.77 6.97 12.98
CA THR A 120 -1.64 7.15 13.89
C THR A 120 -2.02 6.58 15.24
N SER A 121 -1.05 6.59 16.16
CA SER A 121 -1.17 5.91 17.44
C SER A 121 -2.38 6.25 18.30
N ASP A 122 -2.80 7.52 18.28
CA ASP A 122 -3.86 7.98 19.17
C ASP A 122 -5.11 8.36 18.41
N ASP A 123 -5.14 8.10 17.10
CA ASP A 123 -6.31 8.39 16.28
C ASP A 123 -6.51 9.91 16.19
N VAL A 124 -5.43 10.65 16.43
CA VAL A 124 -5.40 12.10 16.24
C VAL A 124 -4.27 12.52 15.29
N VAL A 125 -4.60 13.33 14.29
CA VAL A 125 -3.58 13.84 13.39
C VAL A 125 -3.05 15.17 13.92
N ASN A 126 -1.81 15.16 14.43
CA ASN A 126 -1.24 16.41 14.92
C ASN A 126 -0.51 17.20 13.83
N ALA A 127 0.07 18.34 14.22
CA ALA A 127 0.74 19.24 13.27
C ALA A 127 1.81 18.55 12.45
N GLU A 128 2.73 17.87 13.12
CA GLU A 128 3.80 17.16 12.48
C GLU A 128 3.34 16.01 11.60
N GLU A 129 2.30 15.31 12.03
CA GLU A 129 1.79 14.18 11.27
C GLU A 129 1.11 14.69 10.02
N SER A 130 0.57 15.90 10.10
CA SER A 130 -0.12 16.51 8.97
C SER A 130 0.84 16.92 7.87
N ASN A 131 2.14 16.94 8.15
CA ASN A 131 3.11 17.24 7.10
C ASN A 131 3.96 16.03 6.77
N SER A 132 3.41 14.84 7.00
CA SER A 132 4.14 13.61 6.79
C SER A 132 3.29 12.59 6.06
N THR A 133 3.91 11.47 5.75
CA THR A 133 3.14 10.33 5.25
C THR A 133 2.61 9.56 6.44
N ILE A 134 1.31 9.29 6.45
CA ILE A 134 0.71 8.49 7.52
C ILE A 134 0.16 7.16 6.95
N THR A 135 0.51 6.05 7.61
CA THR A 135 0.02 4.73 7.23
C THR A 135 -1.45 4.52 7.61
N VAL A 136 -2.27 4.19 6.62
CA VAL A 136 -3.62 3.76 6.92
C VAL A 136 -3.68 2.27 6.70
N SER A 137 -4.11 1.52 7.71
CA SER A 137 -4.06 0.07 7.64
C SER A 137 -5.32 -0.55 8.26
N GLY A 138 -5.48 -1.84 8.05
CA GLY A 138 -6.65 -2.53 8.52
C GLY A 138 -6.56 -3.98 8.14
N ARG A 139 -7.70 -4.69 8.22
CA ARG A 139 -7.75 -6.08 7.82
C ARG A 139 -9.07 -6.28 7.09
N VAL A 140 -9.21 -7.37 6.34
CA VAL A 140 -10.51 -7.71 5.75
C VAL A 140 -10.96 -9.05 6.33
N GLY A 141 -12.26 -9.34 6.29
CA GLY A 141 -12.72 -10.58 6.88
C GLY A 141 -13.79 -11.30 6.06
N LEU A 142 -14.34 -12.35 6.66
CA LEU A 142 -15.30 -13.25 6.04
C LEU A 142 -14.78 -13.73 4.67
N ASP A 143 -15.54 -13.51 3.60
CA ASP A 143 -15.17 -14.01 2.27
C ASP A 143 -14.22 -13.13 1.47
N ALA A 144 -13.83 -11.97 2.02
CA ALA A 144 -12.79 -11.14 1.41
C ALA A 144 -11.47 -11.92 1.34
N SER A 145 -10.63 -11.63 0.35
CA SER A 145 -9.47 -12.50 0.10
C SER A 145 -8.22 -11.71 -0.20
N ALA A 146 -7.07 -12.29 0.13
CA ALA A 146 -5.79 -11.87 -0.39
C ALA A 146 -5.94 -11.52 -1.85
N GLY A 147 -5.41 -10.38 -2.25
CA GLY A 147 -5.40 -10.02 -3.64
C GLY A 147 -6.55 -9.08 -3.97
N ASP A 148 -7.49 -8.93 -3.07
CA ASP A 148 -8.61 -8.02 -3.30
C ASP A 148 -8.18 -6.56 -3.27
N THR A 149 -8.94 -5.71 -3.96
CA THR A 149 -8.67 -4.28 -4.00
C THR A 149 -9.24 -3.56 -2.78
N VAL A 150 -8.41 -2.73 -2.15
CA VAL A 150 -8.84 -1.86 -1.06
C VAL A 150 -8.73 -0.42 -1.52
N SER A 151 -9.82 0.34 -1.41
CA SER A 151 -9.79 1.72 -1.87
C SER A 151 -10.45 2.69 -0.88
N MET A 152 -10.07 3.96 -0.99
CA MET A 152 -10.58 5.01 -0.12
C MET A 152 -10.31 6.32 -0.82
N THR A 153 -11.20 7.29 -0.65
CA THR A 153 -10.99 8.61 -1.20
C THR A 153 -10.93 9.63 -0.06
N ILE A 154 -9.78 10.26 0.09
CA ILE A 154 -9.48 11.07 1.25
C ILE A 154 -9.11 12.47 0.79
N ASN A 155 -9.95 13.43 1.15
CA ASN A 155 -9.82 14.81 0.68
C ASN A 155 -9.80 14.88 -0.84
N GLY A 156 -10.64 14.05 -1.47
CA GLY A 156 -10.71 14.04 -2.92
C GLY A 156 -9.67 13.18 -3.61
N THR A 157 -8.74 12.62 -2.85
CA THR A 157 -7.71 11.80 -3.48
C THR A 157 -7.97 10.33 -3.23
N LEU A 158 -8.00 9.58 -4.33
CA LEU A 158 -8.18 8.15 -4.31
C LEU A 158 -6.90 7.45 -3.91
N TYR A 159 -6.96 6.65 -2.86
CA TYR A 159 -5.85 5.80 -2.50
C TYR A 159 -6.26 4.34 -2.69
N THR A 160 -5.37 3.55 -3.29
CA THR A 160 -5.64 2.14 -3.54
C THR A 160 -4.55 1.25 -3.01
N THR A 161 -4.90 0.07 -2.54
CA THR A 161 -3.90 -0.98 -2.26
C THR A 161 -4.55 -2.37 -2.42
N VAL A 162 -3.82 -3.40 -2.02
CA VAL A 162 -4.29 -4.76 -2.20
C VAL A 162 -4.18 -5.55 -0.90
N VAL A 163 -5.13 -6.46 -0.68
CA VAL A 163 -5.10 -7.30 0.50
C VAL A 163 -3.90 -8.26 0.43
N LEU A 164 -3.09 -8.27 1.49
CA LEU A 164 -1.94 -9.18 1.57
C LEU A 164 -2.36 -10.60 1.93
N ALA A 165 -1.38 -11.49 1.94
CA ALA A 165 -1.66 -12.91 2.14
C ALA A 165 -2.36 -13.14 3.46
N ASN A 166 -1.96 -12.40 4.50
CA ASN A 166 -2.60 -12.62 5.79
C ASN A 166 -3.86 -11.78 5.98
N LYS A 167 -4.38 -11.19 4.91
CA LYS A 167 -5.63 -10.42 4.92
C LYS A 167 -5.53 -9.03 5.56
N THR A 168 -4.33 -8.63 5.97
CA THR A 168 -4.11 -7.23 6.31
C THR A 168 -3.85 -6.42 5.04
N TRP A 169 -3.87 -5.10 5.20
CA TRP A 169 -3.59 -4.19 4.10
C TRP A 169 -3.07 -2.90 4.71
N SER A 170 -2.25 -2.16 3.97
CA SER A 170 -1.91 -0.82 4.42
C SER A 170 -1.54 0.02 3.24
N VAL A 171 -1.68 1.33 3.39
CA VAL A 171 -1.31 2.24 2.32
C VAL A 171 -0.91 3.60 2.91
N GLY A 172 0.13 4.19 2.34
CA GLY A 172 0.62 5.49 2.78
C GLY A 172 -0.29 6.60 2.27
N VAL A 173 -0.74 7.45 3.18
CA VAL A 173 -1.65 8.54 2.82
C VAL A 173 -0.98 9.86 3.25
N SER A 174 -1.19 10.92 2.50
CA SER A 174 -0.60 12.20 2.88
C SER A 174 -1.33 12.81 4.09
N GLY A 175 -0.55 13.17 5.10
CA GLY A 175 -1.03 13.90 6.27
C GLY A 175 -1.97 15.05 5.98
N SER A 176 -1.70 15.80 4.91
CA SER A 176 -2.53 16.97 4.63
C SER A 176 -3.93 16.58 4.16
N ASP A 177 -4.08 15.46 3.45
CA ASP A 177 -5.42 14.97 3.15
C ASP A 177 -6.13 14.57 4.43
N LEU A 178 -5.43 13.84 5.28
CA LEU A 178 -6.02 13.40 6.54
C LEU A 178 -6.33 14.59 7.45
N ALA A 179 -5.51 15.63 7.38
CA ALA A 179 -5.78 16.86 8.14
C ALA A 179 -7.09 17.53 7.71
N GLN A 180 -7.49 17.30 6.46
CA GLN A 180 -8.64 17.99 5.89
C GLN A 180 -9.88 17.13 5.75
N ASP A 181 -9.77 15.83 6.02
CA ASP A 181 -10.88 14.92 5.81
C ASP A 181 -10.86 13.93 6.97
N ASN A 182 -11.65 14.19 8.01
CA ASN A 182 -11.53 13.38 9.22
C ASN A 182 -12.49 12.20 9.29
N SER A 183 -13.30 12.04 8.24
CA SER A 183 -14.18 10.89 8.13
C SER A 183 -14.31 10.44 6.68
N PHE A 184 -13.96 9.19 6.42
CA PHE A 184 -14.08 8.65 5.06
C PHE A 184 -14.42 7.15 4.99
N GLN A 185 -15.02 6.74 3.88
CA GLN A 185 -15.24 5.32 3.60
C GLN A 185 -14.04 4.59 3.02
N VAL A 186 -13.84 3.36 3.53
CA VAL A 186 -12.87 2.42 3.00
C VAL A 186 -13.60 1.16 2.52
N SER A 187 -13.29 0.69 1.32
CA SER A 187 -13.97 -0.50 0.79
C SER A 187 -13.04 -1.58 0.33
N VAL A 188 -13.56 -2.80 0.30
CA VAL A 188 -12.85 -3.94 -0.23
C VAL A 188 -13.80 -4.53 -1.27
N THR A 189 -13.28 -4.79 -2.47
CA THR A 189 -14.08 -5.40 -3.49
C THR A 189 -13.38 -6.64 -4.04
N GLY A 190 -14.16 -7.57 -4.56
CA GLY A 190 -13.59 -8.76 -5.15
C GLY A 190 -14.65 -9.68 -5.70
N GLN A 191 -14.31 -10.95 -5.88
CA GLN A 191 -15.25 -11.90 -6.46
C GLN A 191 -15.16 -13.25 -5.76
N ASP A 192 -16.29 -13.88 -5.46
CA ASP A 192 -16.21 -15.14 -4.76
C ASP A 192 -15.94 -16.30 -5.74
N SER A 193 -15.79 -17.52 -5.24
CA SER A 193 -15.44 -18.64 -6.11
C SER A 193 -16.51 -19.00 -7.13
N ALA A 194 -17.74 -18.56 -6.89
CA ALA A 194 -18.82 -18.79 -7.86
C ALA A 194 -18.93 -17.63 -8.84
N GLY A 195 -18.09 -16.61 -8.70
CA GLY A 195 -18.12 -15.49 -9.63
C GLY A 195 -18.96 -14.30 -9.17
N ASN A 196 -19.51 -14.34 -7.96
CA ASN A 196 -20.33 -13.23 -7.55
C ASN A 196 -19.43 -12.11 -7.07
N PRO A 197 -19.70 -10.89 -7.55
CA PRO A 197 -18.88 -9.80 -7.00
C PRO A 197 -19.36 -9.53 -5.59
N TYR A 198 -18.48 -9.02 -4.75
CA TYR A 198 -18.88 -8.59 -3.42
C TYR A 198 -18.15 -7.32 -3.06
N ALA A 199 -18.67 -6.64 -2.05
CA ALA A 199 -18.08 -5.41 -1.59
C ALA A 199 -18.34 -5.32 -0.09
N GLY A 200 -17.32 -4.95 0.68
CA GLY A 200 -17.50 -4.60 2.08
C GLY A 200 -17.00 -3.19 2.29
N THR A 201 -17.61 -2.47 3.22
CA THR A 201 -17.18 -1.09 3.51
C THR A 201 -17.25 -0.81 5.01
N THR A 202 -16.53 0.23 5.42
CA THR A 202 -16.53 0.67 6.81
C THR A 202 -16.17 2.12 6.77
N THR A 203 -16.52 2.82 7.84
CA THR A 203 -16.21 4.23 7.93
C THR A 203 -15.11 4.47 8.95
N SER A 204 -14.03 5.10 8.51
CA SER A 204 -12.95 5.48 9.39
C SER A 204 -13.10 6.94 9.79
N THR A 205 -13.04 7.20 11.09
CA THR A 205 -13.07 8.58 11.54
C THR A 205 -11.86 8.81 12.43
N HIS A 206 -11.39 10.06 12.44
CA HIS A 206 -10.32 10.47 13.33
C HIS A 206 -10.52 11.94 13.67
N THR A 207 -9.70 12.49 14.56
CA THR A 207 -9.79 13.92 14.84
C THR A 207 -8.50 14.60 14.42
N VAL A 208 -8.59 15.91 14.16
CA VAL A 208 -7.44 16.66 13.73
C VAL A 208 -7.16 17.75 14.77
N ASP A 209 -5.93 17.76 15.29
CA ASP A 209 -5.49 18.74 16.29
C ASP A 209 -4.08 19.18 15.95
N THR A 210 -3.93 20.33 15.31
CA THR A 210 -2.61 20.74 14.86
C THR A 210 -2.04 21.95 15.61
N SER A 211 -2.58 22.29 16.76
CA SER A 211 -1.89 23.30 17.57
C SER A 211 -2.17 23.17 19.04
N ALA A 212 -1.16 23.51 19.81
CA ALA A 212 -1.24 23.64 21.26
C ALA A 212 -1.41 25.13 21.58
N ASP A 213 -1.93 25.42 22.78
CA ASP A 213 -2.38 26.76 23.12
C ASP A 213 -1.50 27.43 24.19
N ALA A 214 -0.98 28.61 23.87
CA ALA A 214 -0.19 29.38 24.80
C ALA A 214 -1.06 29.85 25.97
N GLY A 215 -0.48 29.94 27.16
CA GLY A 215 -1.13 30.54 28.30
C GLY A 215 -0.60 31.93 28.58
N THR A 216 -0.34 32.20 29.86
CA THR A 216 0.18 33.49 30.32
C THR A 216 1.36 33.27 31.25
N VAL A 217 2.46 33.90 30.92
CA VAL A 217 3.65 33.86 31.73
C VAL A 217 3.99 35.25 32.25
N THR A 218 4.29 35.36 33.53
CA THR A 218 4.70 36.63 34.13
C THR A 218 6.04 36.47 34.85
N VAL A 219 6.77 37.59 35.04
CA VAL A 219 7.96 37.60 35.87
C VAL A 219 7.76 38.61 37.02
N ASN A 220 8.03 38.19 38.25
CA ASN A 220 7.92 39.09 39.37
C ASN A 220 9.05 40.12 39.36
N ALA A 221 8.99 41.06 40.29
CA ALA A 221 10.02 42.05 40.50
C ALA A 221 11.36 41.35 40.72
N ILE A 222 12.42 41.97 40.21
CA ILE A 222 13.77 41.43 40.37
C ILE A 222 14.32 41.94 41.68
N THR A 223 14.29 41.06 42.70
CA THR A 223 14.30 41.44 44.12
C THR A 223 13.10 42.34 44.43
N SER A 224 12.90 42.65 45.72
CA SER A 224 11.64 43.26 46.16
C SER A 224 11.36 44.66 45.56
N ASP A 225 12.42 45.42 45.30
CA ASP A 225 12.24 46.75 44.71
C ASP A 225 12.53 46.81 43.21
N ASP A 226 12.82 45.66 42.60
CA ASP A 226 12.99 45.55 41.15
C ASP A 226 14.26 46.30 40.72
N VAL A 227 15.22 46.40 41.64
CA VAL A 227 16.51 47.05 41.41
C VAL A 227 17.65 46.18 41.94
N ILE A 228 18.69 45.96 41.14
CA ILE A 228 19.85 45.20 41.58
C ILE A 228 20.89 46.12 42.22
N ASN A 229 21.17 45.95 43.51
CA ASN A 229 22.21 46.75 44.17
C ASN A 229 23.57 46.08 44.03
N ALA A 230 24.62 46.77 44.48
CA ALA A 230 25.99 46.22 44.45
C ALA A 230 26.03 44.86 45.15
N SER A 231 25.36 44.79 46.29
CA SER A 231 25.33 43.61 47.12
C SER A 231 24.59 42.42 46.50
N GLU A 232 23.38 42.66 45.99
CA GLU A 232 22.60 41.66 45.28
C GLU A 232 23.34 41.13 44.05
N ALA A 233 24.00 42.03 43.34
CA ALA A 233 24.83 41.68 42.18
C ALA A 233 26.00 40.77 42.50
N ALA A 234 26.53 40.91 43.71
CA ALA A 234 27.61 40.05 44.21
C ALA A 234 27.17 38.59 44.40
N GLY A 235 25.88 38.37 44.61
CA GLY A 235 25.40 37.06 45.03
C GLY A 235 24.49 36.34 44.05
N THR A 236 23.53 35.60 44.60
CA THR A 236 22.58 34.84 43.80
C THR A 236 21.22 35.49 43.99
N VAL A 237 20.45 35.63 42.91
CA VAL A 237 19.11 36.19 43.02
C VAL A 237 18.06 35.19 42.53
N ALA A 238 17.00 35.00 43.33
CA ALA A 238 15.90 34.13 42.94
C ALA A 238 14.93 34.88 42.02
N VAL A 239 14.92 34.51 40.75
CA VAL A 239 13.97 35.08 39.81
C VAL A 239 12.74 34.16 39.71
N SER A 240 11.56 34.76 39.86
CA SER A 240 10.31 34.00 39.94
C SER A 240 9.21 34.67 39.12
N GLY A 241 8.14 33.91 38.85
CA GLY A 241 7.00 34.39 38.10
C GLY A 241 5.87 33.36 38.09
N THR A 242 4.90 33.57 37.20
CA THR A 242 3.77 32.67 37.02
C THR A 242 3.73 32.12 35.58
N ALA A 243 2.94 31.06 35.39
CA ALA A 243 2.80 30.37 34.11
C ALA A 243 1.55 29.52 34.27
N THR A 244 0.43 29.99 33.71
CA THR A 244 -0.86 29.33 33.77
C THR A 244 -1.63 29.55 32.48
N GLY A 245 -2.71 28.81 32.29
CA GLY A 245 -3.59 28.96 31.14
C GLY A 245 -3.18 28.12 29.94
N GLY A 246 -4.05 28.04 28.94
CA GLY A 246 -3.75 27.28 27.75
C GLY A 246 -3.34 25.87 28.10
N ASP A 247 -2.29 25.37 27.46
CA ASP A 247 -1.77 24.04 27.74
C ASP A 247 -0.60 24.02 28.72
N ILE A 248 -0.35 25.14 29.38
CA ILE A 248 0.72 25.17 30.38
C ILE A 248 0.39 24.20 31.51
N ALA A 249 1.38 23.42 31.95
CA ALA A 249 1.12 22.41 32.96
C ALA A 249 2.27 22.31 33.95
N GLU A 250 1.97 21.88 35.17
CA GLU A 250 3.01 21.53 36.14
C GLU A 250 4.08 20.67 35.49
N GLY A 251 5.35 21.00 35.71
CA GLY A 251 6.43 20.25 35.10
C GLY A 251 6.96 20.83 33.80
N ASP A 252 6.22 21.75 33.20
CA ASP A 252 6.68 22.40 31.98
C ASP A 252 8.01 23.11 32.23
N THR A 253 8.86 23.18 31.20
CA THR A 253 10.16 23.82 31.34
C THR A 253 10.02 25.33 31.19
N VAL A 254 10.66 26.06 32.10
CA VAL A 254 10.77 27.50 32.02
C VAL A 254 12.21 27.87 31.68
N THR A 255 12.41 28.62 30.62
CA THR A 255 13.75 28.95 30.16
C THR A 255 13.93 30.45 30.19
N LEU A 256 15.03 30.89 30.80
CA LEU A 256 15.42 32.30 30.84
C LEU A 256 16.83 32.47 30.27
N GLU A 257 17.00 33.38 29.31
CA GLU A 257 18.33 33.73 28.83
C GLU A 257 18.69 35.14 29.30
N ILE A 258 19.67 35.19 30.19
CA ILE A 258 20.12 36.41 30.84
C ILE A 258 21.61 36.58 30.67
N ASN A 259 22.01 37.70 30.07
CA ASN A 259 23.42 37.99 29.84
C ASN A 259 24.16 36.85 29.12
N GLY A 260 23.49 36.27 28.11
CA GLY A 260 24.11 35.17 27.40
C GLY A 260 24.07 33.83 28.12
N GLU A 261 23.53 33.80 29.34
CA GLU A 261 23.51 32.55 30.09
C GLU A 261 22.10 31.96 30.09
N THR A 262 22.02 30.64 30.00
CA THR A 262 20.72 29.98 30.00
C THR A 262 20.40 29.42 31.39
N TYR A 263 19.23 29.76 31.91
CA TYR A 263 18.76 29.26 33.20
C TYR A 263 17.45 28.50 32.98
N THR A 264 17.25 27.38 33.67
CA THR A 264 16.00 26.65 33.52
C THR A 264 15.42 26.18 34.86
N THR A 265 14.11 25.99 34.88
CA THR A 265 13.40 25.46 36.02
C THR A 265 12.10 24.89 35.43
N THR A 266 11.19 24.48 36.30
CA THR A 266 9.90 23.97 35.87
C THR A 266 8.77 24.68 36.60
N VAL A 267 7.58 24.61 36.02
CA VAL A 267 6.40 25.19 36.61
C VAL A 267 5.96 24.30 37.77
N ASP A 268 5.55 24.89 38.89
CA ASP A 268 5.08 24.07 40.00
C ASP A 268 3.56 23.95 39.97
N ALA A 269 3.00 23.27 40.97
CA ALA A 269 1.57 22.91 41.03
C ALA A 269 0.66 24.12 41.29
N ASN A 270 1.25 25.19 41.83
CA ASN A 270 0.51 26.43 41.98
C ASN A 270 0.51 27.30 40.75
N GLY A 271 1.22 26.87 39.71
CA GLY A 271 1.47 27.70 38.55
C GLY A 271 2.55 28.77 38.73
N GLU A 272 3.49 28.52 39.65
CA GLU A 272 4.62 29.44 39.83
CA GLU A 272 4.62 29.41 39.87
C GLU A 272 5.93 28.77 39.46
N TRP A 273 6.97 29.58 39.32
CA TRP A 273 8.29 29.05 39.06
C TRP A 273 9.31 29.99 39.70
N SER A 274 10.45 29.44 40.10
CA SER A 274 11.57 30.25 40.60
C SER A 274 12.87 29.58 40.18
N VAL A 275 13.88 30.39 39.89
CA VAL A 275 15.19 29.86 39.55
C VAL A 275 16.28 30.77 40.06
N ASP A 276 17.39 30.18 40.51
CA ASP A 276 18.49 30.98 41.03
C ASP A 276 19.40 31.49 39.92
N VAL A 277 19.60 32.80 39.90
CA VAL A 277 20.36 33.46 38.86
C VAL A 277 21.56 34.21 39.45
N ALA A 278 22.73 34.11 38.83
CA ALA A 278 23.88 34.90 39.25
C ALA A 278 23.59 36.40 39.14
N GLY A 279 23.86 37.13 40.22
CA GLY A 279 23.64 38.57 40.24
C GLY A 279 24.43 39.31 39.18
N SER A 280 25.62 38.80 38.87
CA SER A 280 26.45 39.45 37.87
C SER A 280 25.75 39.46 36.52
N ASP A 281 24.97 38.41 36.25
CA ASP A 281 24.21 38.35 35.01
C ASP A 281 23.06 39.36 34.98
N LEU A 282 22.36 39.50 36.09
CA LEU A 282 21.26 40.44 36.14
C LEU A 282 21.80 41.87 36.07
N ALA A 283 22.99 42.08 36.64
CA ALA A 283 23.68 43.37 36.57
C ALA A 283 24.03 43.79 35.15
N ALA A 284 24.27 42.84 34.27
CA ALA A 284 24.73 43.17 32.91
C ALA A 284 23.57 43.23 31.94
N ASP A 285 22.46 42.61 32.31
CA ASP A 285 21.36 42.44 31.40
C ASP A 285 20.06 42.85 32.06
N THR A 286 19.59 44.06 31.73
CA THR A 286 18.48 44.69 32.43
C THR A 286 17.07 44.34 31.91
N ALA A 287 16.97 43.43 30.94
CA ALA A 287 15.67 43.00 30.43
C ALA A 287 15.77 41.60 29.83
N PHE A 288 14.80 40.73 30.10
CA PHE A 288 14.87 39.37 29.56
C PHE A 288 13.51 38.72 29.50
N ASP A 289 13.41 37.63 28.76
CA ASP A 289 12.17 36.90 28.62
C ASP A 289 12.20 35.62 29.43
N ALA A 290 11.05 35.22 29.92
CA ALA A 290 10.90 33.90 30.47
C ALA A 290 10.02 33.14 29.47
N VAL A 291 10.50 31.99 29.02
CA VAL A 291 9.77 31.21 28.01
C VAL A 291 9.34 29.85 28.55
N VAL A 292 8.04 29.58 28.52
CA VAL A 292 7.52 28.28 28.97
C VAL A 292 7.16 27.41 27.76
N THR A 293 7.69 26.18 27.75
CA THR A 293 7.43 25.22 26.67
C THR A 293 6.35 24.23 27.12
N SER A 294 5.23 24.22 26.41
CA SER A 294 4.16 23.30 26.73
C SER A 294 3.77 22.37 25.57
N SER A 295 2.91 21.42 25.87
CA SER A 295 2.39 20.53 24.86
C SER A 295 0.99 20.06 25.24
N ASP A 296 0.17 19.76 24.22
CA ASP A 296 -1.13 19.14 24.45
C ASP A 296 -1.06 17.61 24.32
N ALA A 297 -2.17 16.93 24.56
CA ALA A 297 -2.17 15.46 24.54
C ALA A 297 -1.85 14.91 23.16
N ALA A 298 -2.22 15.65 22.11
CA ALA A 298 -1.86 15.25 20.74
C ALA A 298 -0.38 15.31 20.45
N GLY A 299 0.39 16.00 21.29
CA GLY A 299 1.83 16.08 21.10
C GLY A 299 2.32 17.34 20.43
N ASN A 300 1.43 18.28 20.15
CA ASN A 300 1.84 19.56 19.61
C ASN A 300 2.57 20.33 20.70
N THR A 301 3.44 21.25 20.31
CA THR A 301 4.14 22.07 21.31
C THR A 301 3.90 23.54 21.08
N VAL A 302 4.09 24.32 22.13
CA VAL A 302 3.87 25.76 22.07
C VAL A 302 4.69 26.46 23.17
N ASP A 303 5.28 27.60 22.81
CA ASP A 303 5.99 28.49 23.73
C ASP A 303 5.13 29.66 24.20
N THR A 304 5.14 29.92 25.51
CA THR A 304 4.46 31.06 26.08
C THR A 304 5.54 31.99 26.68
N THR A 305 5.46 33.28 26.35
CA THR A 305 6.53 34.19 26.73
C THR A 305 6.03 35.30 27.66
N GLY A 306 6.78 35.52 28.74
CA GLY A 306 6.62 36.71 29.59
C GLY A 306 7.92 37.50 29.61
N SER A 307 7.79 38.82 29.62
CA SER A 307 8.94 39.69 29.44
C SER A 307 9.18 40.51 30.72
N SER A 308 10.44 40.79 31.04
CA SER A 308 10.79 41.44 32.29
C SER A 308 11.82 42.51 32.06
N THR A 309 11.76 43.56 32.87
CA THR A 309 12.75 44.61 32.89
C THR A 309 13.09 44.95 34.34
N HIS A 310 14.34 45.30 34.59
CA HIS A 310 14.71 45.84 35.90
C HIS A 310 15.81 46.86 35.72
N THR A 311 16.13 47.57 36.80
CA THR A 311 17.23 48.52 36.82
C THR A 311 18.34 48.09 37.80
N VAL A 312 19.49 48.74 37.67
CA VAL A 312 20.73 48.37 38.36
C VAL A 312 21.39 49.55 39.06
N ASP A 313 21.77 49.38 40.33
CA ASP A 313 22.46 50.44 41.04
C ASP A 313 23.43 49.89 42.09
N ASN B 2 -14.67 -54.84 -50.51
CA ASN B 2 -14.55 -53.48 -51.00
C ASN B 2 -13.13 -52.91 -50.85
N GLN B 3 -12.73 -52.11 -51.83
CA GLN B 3 -11.33 -51.70 -51.92
C GLN B 3 -11.04 -50.26 -51.50
N SER B 4 -12.07 -49.47 -51.20
CA SER B 4 -11.82 -48.10 -50.77
C SER B 4 -11.11 -48.15 -49.41
N PRO B 5 -10.24 -47.16 -49.14
CA PRO B 5 -9.62 -47.00 -47.82
C PRO B 5 -10.66 -46.76 -46.74
N LEU B 6 -10.33 -47.08 -45.49
CA LEU B 6 -11.16 -46.67 -44.37
C LEU B 6 -10.90 -45.19 -44.11
N LEU B 7 -11.96 -44.43 -43.87
CA LEU B 7 -11.85 -42.99 -43.64
C LEU B 7 -11.75 -42.68 -42.16
N ILE B 8 -10.59 -42.24 -41.70
CA ILE B 8 -10.48 -41.84 -40.30
C ILE B 8 -9.88 -40.45 -40.12
N ASN B 9 -10.00 -39.94 -38.91
CA ASN B 9 -9.51 -38.61 -38.55
C ASN B 9 -8.54 -38.75 -37.39
N LEU B 10 -7.43 -38.02 -37.43
CA LEU B 10 -6.40 -38.06 -36.40
C LEU B 10 -6.16 -36.70 -35.78
N ASP B 11 -6.32 -36.59 -34.47
CA ASP B 11 -6.08 -35.32 -33.79
C ASP B 11 -5.06 -35.51 -32.68
N ILE B 12 -4.29 -34.44 -32.44
CA ILE B 12 -3.36 -34.37 -31.32
C ILE B 12 -3.91 -33.35 -30.33
N ASP B 13 -4.06 -33.73 -29.07
CA ASP B 13 -4.53 -32.80 -28.05
C ASP B 13 -3.48 -31.71 -27.77
N PRO B 14 -3.89 -30.57 -27.19
CA PRO B 14 -2.92 -29.51 -26.86
C PRO B 14 -1.73 -30.07 -26.06
N VAL B 15 -0.52 -29.68 -26.44
CA VAL B 15 0.67 -30.19 -25.79
C VAL B 15 0.74 -29.78 -24.31
N THR B 16 0.75 -30.78 -23.42
CA THR B 16 0.58 -30.61 -21.98
C THR B 16 -0.62 -29.73 -21.61
N GLY B 17 -1.65 -29.72 -22.44
CA GLY B 17 -2.80 -28.90 -22.16
C GLY B 17 -2.73 -27.40 -22.44
N ASP B 18 -1.67 -26.72 -22.01
CA ASP B 18 -1.55 -25.29 -22.30
C ASP B 18 -0.74 -24.93 -23.55
N SER B 19 -0.29 -25.94 -24.27
CA SER B 19 0.47 -25.75 -25.52
C SER B 19 1.83 -25.11 -25.32
N VAL B 20 2.31 -25.09 -24.07
CA VAL B 20 3.58 -24.51 -23.76
C VAL B 20 4.45 -25.56 -23.10
N ILE B 21 5.69 -25.64 -23.55
CA ILE B 21 6.70 -26.49 -22.94
C ILE B 21 7.60 -25.62 -22.06
N ASN B 22 7.57 -25.86 -20.76
CA ASN B 22 8.33 -25.04 -19.81
C ASN B 22 9.62 -25.76 -19.40
N ALA B 23 10.37 -25.17 -18.48
CA ALA B 23 11.65 -25.74 -18.08
C ALA B 23 11.50 -27.14 -17.54
N ALA B 24 10.53 -27.34 -16.65
CA ALA B 24 10.38 -28.66 -16.06
C ALA B 24 9.98 -29.71 -17.11
N GLU B 25 9.10 -29.32 -18.02
CA GLU B 25 8.65 -30.22 -19.10
C GLU B 25 9.80 -30.56 -20.05
N ALA B 26 10.52 -29.53 -20.48
CA ALA B 26 11.69 -29.69 -21.32
C ALA B 26 12.71 -30.65 -20.71
N GLY B 27 12.89 -30.59 -19.39
CA GLY B 27 13.83 -31.47 -18.71
C GLY B 27 13.33 -32.85 -18.30
N GLY B 28 12.08 -33.16 -18.63
CA GLY B 28 11.52 -34.45 -18.23
C GLY B 28 10.85 -35.16 -19.38
N THR B 29 9.87 -35.99 -19.07
CA THR B 29 9.07 -36.60 -20.12
C THR B 29 7.72 -35.92 -20.24
N VAL B 30 7.18 -35.92 -21.45
CA VAL B 30 5.91 -35.27 -21.71
C VAL B 30 4.98 -36.34 -22.28
N THR B 31 3.74 -36.38 -21.84
CA THR B 31 2.77 -37.33 -22.39
C THR B 31 1.91 -36.60 -23.39
N LEU B 32 1.97 -37.03 -24.64
CA LEU B 32 1.15 -36.44 -25.68
C LEU B 32 -0.03 -37.37 -25.87
N THR B 33 -1.18 -36.82 -26.26
CA THR B 33 -2.42 -37.60 -26.35
C THR B 33 -3.25 -37.12 -27.54
N GLY B 34 -4.18 -37.93 -28.00
CA GLY B 34 -5.11 -37.51 -29.02
C GLY B 34 -6.17 -38.55 -29.30
N VAL B 35 -6.84 -38.43 -30.44
CA VAL B 35 -7.97 -39.27 -30.73
C VAL B 35 -7.94 -39.69 -32.18
N VAL B 36 -8.43 -40.89 -32.44
CA VAL B 36 -8.72 -41.33 -33.80
C VAL B 36 -10.19 -41.72 -33.87
N ASN B 37 -10.94 -41.09 -34.79
CA ASN B 37 -12.35 -41.43 -34.98
C ASN B 37 -12.69 -41.70 -36.44
N GLY B 38 -13.95 -42.02 -36.71
CA GLY B 38 -14.38 -42.26 -38.07
C GLY B 38 -14.86 -43.68 -38.27
N ASP B 39 -14.46 -44.31 -39.38
CA ASP B 39 -14.78 -45.72 -39.63
C ASP B 39 -14.42 -46.64 -38.46
N VAL B 40 -15.20 -47.72 -38.33
CA VAL B 40 -14.93 -48.75 -37.33
C VAL B 40 -13.60 -49.43 -37.61
N PHE B 41 -12.85 -49.69 -36.54
CA PHE B 41 -11.54 -50.34 -36.63
C PHE B 41 -11.22 -51.19 -35.40
N SER B 42 -10.30 -52.13 -35.55
CA SER B 42 -9.95 -53.01 -34.43
C SER B 42 -8.52 -52.81 -33.93
N SER B 43 -7.71 -52.07 -34.68
CA SER B 43 -6.39 -51.65 -34.18
C SER B 43 -5.83 -50.46 -34.92
N GLY B 44 -4.80 -49.84 -34.36
CA GLY B 44 -4.12 -48.77 -35.05
C GLY B 44 -2.77 -48.43 -34.46
N VAL B 45 -1.92 -47.84 -35.28
CA VAL B 45 -0.59 -47.41 -34.87
C VAL B 45 -0.37 -45.96 -35.19
N VAL B 46 -0.25 -45.15 -34.15
CA VAL B 46 0.10 -43.75 -34.32
C VAL B 46 1.61 -43.56 -34.29
N THR B 47 2.13 -42.97 -35.35
CA THR B 47 3.55 -42.64 -35.45
C THR B 47 3.79 -41.14 -35.37
N LEU B 48 4.71 -40.76 -34.49
CA LEU B 48 5.05 -39.35 -34.31
C LEU B 48 6.51 -39.04 -34.62
N VAL B 49 6.75 -37.88 -35.23
CA VAL B 49 8.12 -37.44 -35.44
C VAL B 49 8.32 -36.10 -34.75
N ILE B 50 9.39 -36.01 -33.96
CA ILE B 50 9.72 -34.83 -33.18
C ILE B 50 11.24 -34.78 -33.08
N ASN B 51 11.82 -33.65 -33.48
CA ASN B 51 13.27 -33.45 -33.43
C ASN B 51 13.99 -34.57 -34.20
N GLY B 52 13.40 -34.95 -35.33
CA GLY B 52 13.85 -36.11 -36.10
C GLY B 52 13.72 -37.47 -35.46
N VAL B 53 13.00 -37.57 -34.35
CA VAL B 53 12.95 -38.83 -33.62
C VAL B 53 11.57 -39.44 -33.78
N THR B 54 11.52 -40.72 -34.12
CA THR B 54 10.26 -41.38 -34.31
C THR B 54 9.74 -42.03 -33.04
N TYR B 55 8.54 -41.65 -32.64
CA TYR B 55 7.82 -42.31 -31.55
C TYR B 55 6.61 -43.01 -32.09
N SER B 56 6.15 -43.99 -31.33
CA SER B 56 5.02 -44.79 -31.74
C SER B 56 4.15 -45.25 -30.57
N THR B 57 2.86 -45.45 -30.84
CA THR B 57 1.95 -46.04 -29.87
C THR B 57 0.75 -46.62 -30.63
N ASN B 58 -0.04 -47.44 -29.93
CA ASN B 58 -1.28 -47.99 -30.49
C ASN B 58 -2.53 -47.18 -30.13
N VAL B 59 -3.65 -47.49 -30.77
CA VAL B 59 -4.91 -46.84 -30.43
C VAL B 59 -5.78 -47.67 -29.48
N ASN B 60 -6.30 -47.04 -28.43
CA ASN B 60 -7.17 -47.73 -27.46
C ASN B 60 -8.52 -47.99 -28.14
N PRO B 61 -9.29 -48.97 -27.63
CA PRO B 61 -10.54 -49.35 -28.32
C PRO B 61 -11.50 -48.18 -28.44
N ASN B 62 -11.41 -47.25 -27.49
CA ASN B 62 -12.21 -46.03 -27.50
C ASN B 62 -11.66 -44.90 -28.38
N GLY B 63 -10.72 -45.21 -29.28
CA GLY B 63 -10.19 -44.23 -30.20
C GLY B 63 -9.10 -43.27 -29.71
N THR B 64 -8.89 -43.19 -28.39
CA THR B 64 -7.85 -42.32 -27.85
C THR B 64 -6.48 -42.98 -27.86
N TRP B 65 -5.44 -42.19 -27.66
CA TRP B 65 -4.07 -42.71 -27.56
C TRP B 65 -3.25 -41.73 -26.75
N SER B 66 -2.10 -42.24 -26.28
CA SER B 66 -1.29 -41.56 -25.28
C SER B 66 0.12 -42.09 -25.40
N VAL B 67 1.12 -41.19 -25.35
CA VAL B 67 2.50 -41.61 -25.54
C VAL B 67 3.50 -40.63 -24.93
N SER B 68 4.43 -41.21 -24.20
CA SER B 68 5.52 -40.50 -23.58
C SER B 68 6.63 -40.13 -24.54
N VAL B 69 7.03 -38.86 -24.54
CA VAL B 69 8.15 -38.44 -25.37
C VAL B 69 9.16 -37.68 -24.51
N ALA B 70 10.40 -37.62 -24.97
CA ALA B 70 11.38 -36.81 -24.27
C ALA B 70 11.03 -35.34 -24.45
N GLY B 71 10.85 -34.63 -23.34
CA GLY B 71 10.63 -33.20 -23.38
C GLY B 71 11.74 -32.49 -24.11
N SER B 72 12.94 -33.05 -24.03
CA SER B 72 14.11 -32.45 -24.66
C SER B 72 13.97 -32.47 -26.19
N ASP B 73 13.31 -33.50 -26.71
CA ASP B 73 13.01 -33.56 -28.15
C ASP B 73 11.99 -32.50 -28.55
N LEU B 74 11.02 -32.23 -27.69
CA LEU B 74 10.08 -31.16 -27.98
C LEU B 74 10.76 -29.78 -27.95
N SER B 75 11.59 -29.54 -26.95
CA SER B 75 12.23 -28.22 -26.86
C SER B 75 13.21 -27.99 -28.02
N ALA B 76 13.86 -29.07 -28.49
CA ALA B 76 14.78 -28.99 -29.62
C ALA B 76 14.10 -29.01 -31.00
N ASP B 77 12.84 -29.46 -31.07
CA ASP B 77 12.16 -29.63 -32.34
C ASP B 77 12.15 -28.34 -33.16
N SER B 78 12.69 -28.42 -34.37
CA SER B 78 13.01 -27.25 -35.18
C SER B 78 11.90 -26.22 -35.41
N ASP B 79 10.73 -26.68 -35.83
CA ASP B 79 9.63 -25.80 -36.16
C ASP B 79 8.56 -25.72 -35.08
N ARG B 80 8.83 -26.34 -33.93
CA ARG B 80 7.84 -26.43 -32.84
C ARG B 80 6.50 -27.03 -33.29
N ILE B 81 6.54 -28.03 -34.15
CA ILE B 81 5.32 -28.75 -34.54
C ILE B 81 5.54 -30.25 -34.43
N VAL B 82 4.61 -30.93 -33.79
CA VAL B 82 4.60 -32.39 -33.77
C VAL B 82 3.96 -32.88 -35.06
N ASP B 83 4.67 -33.71 -35.83
CA ASP B 83 4.04 -34.45 -36.93
C ASP B 83 3.61 -35.84 -36.49
N ALA B 84 2.37 -36.20 -36.84
CA ALA B 84 1.84 -37.51 -36.51
C ALA B 84 1.14 -38.10 -37.72
N SER B 85 1.21 -39.40 -37.84
CA SER B 85 0.34 -40.09 -38.78
C SER B 85 -0.12 -41.40 -38.18
N VAL B 86 -1.22 -41.93 -38.70
CA VAL B 86 -1.78 -43.16 -38.18
C VAL B 86 -2.15 -44.12 -39.30
N VAL B 87 -1.97 -45.41 -39.04
CA VAL B 87 -2.56 -46.45 -39.87
C VAL B 87 -3.54 -47.26 -39.03
N VAL B 88 -4.72 -47.50 -39.59
CA VAL B 88 -5.74 -48.26 -38.88
C VAL B 88 -6.12 -49.48 -39.70
N THR B 89 -6.57 -50.55 -39.03
CA THR B 89 -6.98 -51.79 -39.70
C THR B 89 -8.26 -52.31 -39.06
N ASN B 90 -9.23 -52.79 -39.84
CA ASN B 90 -10.39 -53.42 -39.22
C ASN B 90 -10.60 -54.89 -39.60
N GLY B 91 -9.58 -55.71 -39.45
CA GLY B 91 -9.70 -57.15 -39.73
C GLY B 91 -10.80 -57.62 -40.70
N ALA B 92 -10.90 -56.96 -41.83
CA ALA B 92 -11.24 -57.62 -43.09
C ALA B 92 -9.98 -57.31 -43.86
N GLY B 93 -9.14 -56.57 -43.14
CA GLY B 93 -7.83 -56.16 -43.60
C GLY B 93 -7.86 -54.89 -44.40
N GLN B 94 -9.00 -54.20 -44.40
CA GLN B 94 -9.06 -52.84 -44.90
C GLN B 94 -8.22 -51.94 -43.99
N GLN B 95 -7.51 -50.99 -44.59
CA GLN B 95 -6.80 -50.00 -43.82
C GLN B 95 -7.23 -48.57 -44.16
N GLY B 96 -6.85 -47.64 -43.30
CA GLY B 96 -7.06 -46.24 -43.52
C GLY B 96 -5.93 -45.50 -42.83
N THR B 97 -5.51 -44.39 -43.43
CA THR B 97 -4.47 -43.54 -42.88
C THR B 97 -4.99 -42.14 -42.71
N ALA B 98 -4.41 -41.42 -41.74
CA ALA B 98 -4.55 -39.98 -41.65
C ALA B 98 -3.32 -39.34 -41.02
N ASP B 99 -3.20 -38.03 -41.19
CA ASP B 99 -2.06 -37.25 -40.73
C ASP B 99 -2.58 -36.23 -39.74
N SER B 100 -1.69 -35.65 -38.97
CA SER B 100 -2.12 -34.59 -38.09
C SER B 100 -0.94 -33.75 -37.69
N THR B 101 -1.25 -32.59 -37.17
CA THR B 101 -0.22 -31.68 -36.71
C THR B 101 -0.61 -31.02 -35.38
N GLU B 102 0.40 -30.65 -34.60
CA GLU B 102 0.18 -29.87 -33.38
C GLU B 102 1.37 -28.95 -33.15
N SER B 103 1.15 -27.66 -33.23
CA SER B 103 2.20 -26.71 -32.87
C SER B 103 2.19 -26.34 -31.39
N PHE B 104 3.33 -25.88 -30.89
CA PHE B 104 3.50 -25.53 -29.49
C PHE B 104 4.54 -24.46 -29.33
N ILE B 105 4.59 -23.89 -28.13
CA ILE B 105 5.58 -22.90 -27.77
C ILE B 105 6.58 -23.50 -26.80
N VAL B 106 7.85 -23.15 -26.97
CA VAL B 106 8.86 -23.47 -25.97
C VAL B 106 9.25 -22.21 -25.25
N LYS B 107 9.09 -22.23 -23.93
CA LYS B 107 9.44 -21.12 -23.07
C LYS B 107 10.04 -21.68 -21.79
N THR B 108 11.34 -21.83 -21.76
CA THR B 108 12.00 -22.53 -20.66
C THR B 108 12.64 -21.61 -19.65
N SER B 109 12.53 -20.31 -19.87
CA SER B 109 12.88 -19.38 -18.81
C SER B 109 12.00 -18.14 -18.81
N SER B 110 12.09 -17.39 -17.73
CA SER B 110 11.27 -16.22 -17.62
C SER B 110 12.08 -15.11 -16.96
N ARG B 111 11.76 -13.86 -17.30
CA ARG B 111 12.52 -12.73 -16.81
C ARG B 111 11.56 -11.77 -16.14
N ALA B 112 11.99 -11.23 -15.01
CA ALA B 112 11.21 -10.27 -14.26
C ALA B 112 12.08 -9.08 -13.95
N THR B 113 11.54 -7.88 -14.07
CA THR B 113 12.30 -6.73 -13.66
C THR B 113 11.63 -6.01 -12.48
N ILE B 114 12.39 -5.16 -11.80
CA ILE B 114 11.86 -4.32 -10.74
C ILE B 114 12.70 -3.04 -10.64
N ARG B 115 12.04 -1.90 -10.48
CA ARG B 115 12.71 -0.67 -10.11
C ARG B 115 12.12 0.00 -8.86
N VAL B 116 12.96 0.77 -8.18
CA VAL B 116 12.56 1.48 -6.97
C VAL B 116 12.73 2.97 -7.14
N ASN B 117 11.66 3.71 -6.91
CA ASN B 117 11.69 5.15 -6.99
C ASN B 117 12.61 5.75 -5.92
N SER B 118 12.77 7.05 -5.97
CA SER B 118 13.60 7.73 -4.99
C SER B 118 13.01 7.65 -3.58
N ILE B 119 13.90 7.50 -2.59
CA ILE B 119 13.56 7.53 -1.16
C ILE B 119 13.25 8.96 -0.71
N THR B 120 11.96 9.29 -0.74
CA THR B 120 11.42 10.65 -0.63
C THR B 120 11.83 11.43 -1.86
N SER B 121 11.26 12.62 -2.02
CA SER B 121 11.36 13.33 -3.29
C SER B 121 12.77 13.62 -3.80
N ASP B 122 13.72 13.83 -2.89
CA ASP B 122 15.07 14.24 -3.29
C ASP B 122 16.05 13.09 -3.06
N ASP B 123 15.53 11.91 -2.67
CA ASP B 123 16.40 10.73 -2.48
C ASP B 123 17.34 10.92 -1.29
N VAL B 124 16.98 11.86 -0.41
CA VAL B 124 17.70 12.09 0.83
C VAL B 124 16.75 11.94 2.00
N VAL B 125 17.17 11.17 2.99
CA VAL B 125 16.41 11.07 4.22
C VAL B 125 16.89 12.14 5.21
N ASN B 126 16.09 13.17 5.45
CA ASN B 126 16.49 14.19 6.45
C ASN B 126 16.03 13.85 7.86
N ALA B 127 16.33 14.74 8.80
CA ALA B 127 15.99 14.51 10.19
C ALA B 127 14.51 14.23 10.45
N GLU B 128 13.63 15.08 9.92
CA GLU B 128 12.22 14.94 10.13
C GLU B 128 11.69 13.63 9.48
N GLU B 129 12.24 13.28 8.33
CA GLU B 129 11.79 12.09 7.62
C GLU B 129 12.25 10.84 8.36
N SER B 130 13.40 10.98 9.04
CA SER B 130 13.97 9.87 9.79
C SER B 130 13.16 9.52 11.01
N ASN B 131 12.25 10.43 11.38
CA ASN B 131 11.32 10.22 12.49
C ASN B 131 9.90 10.01 12.03
N SER B 132 9.77 9.54 10.78
CA SER B 132 8.46 9.39 10.17
C SER B 132 8.35 8.06 9.44
N THR B 133 7.15 7.85 8.90
CA THR B 133 6.92 6.81 7.94
C THR B 133 7.35 7.32 6.57
N ILE B 134 8.16 6.54 5.86
CA ILE B 134 8.53 6.90 4.48
C ILE B 134 8.05 5.85 3.48
N THR B 135 7.36 6.30 2.44
CA THR B 135 6.87 5.40 1.39
C THR B 135 8.04 4.97 0.52
N VAL B 136 8.26 3.67 0.42
CA VAL B 136 9.20 3.13 -0.56
C VAL B 136 8.36 2.54 -1.67
N SER B 137 8.56 3.00 -2.90
CA SER B 137 7.67 2.57 -3.97
C SER B 137 8.42 2.28 -5.27
N GLY B 138 7.74 1.69 -6.25
CA GLY B 138 8.42 1.33 -7.47
C GLY B 138 7.45 0.67 -8.42
N ARG B 139 7.97 -0.05 -9.42
CA ARG B 139 7.11 -0.93 -10.20
CA ARG B 139 7.13 -0.89 -10.25
C ARG B 139 7.88 -2.15 -10.68
N VAL B 140 7.17 -3.10 -11.27
CA VAL B 140 7.81 -4.32 -11.73
C VAL B 140 7.57 -4.43 -13.24
N GLY B 141 8.40 -5.20 -13.90
CA GLY B 141 8.21 -5.34 -15.33
C GLY B 141 8.46 -6.74 -15.91
N LEU B 142 8.45 -6.79 -17.23
CA LEU B 142 8.55 -8.02 -18.05
C LEU B 142 7.53 -9.05 -17.53
N ASP B 143 7.95 -10.24 -17.13
CA ASP B 143 6.94 -11.24 -16.69
C ASP B 143 6.43 -11.09 -15.26
N ALA B 144 6.98 -10.16 -14.51
CA ALA B 144 6.46 -9.88 -13.16
C ALA B 144 5.02 -9.38 -13.25
N SER B 145 4.21 -9.74 -12.25
CA SER B 145 2.76 -9.60 -12.37
C SER B 145 2.10 -9.07 -11.12
N ALA B 146 0.98 -8.36 -11.30
CA ALA B 146 0.05 -8.06 -10.22
C ALA B 146 -0.09 -9.28 -9.32
N GLY B 147 0.03 -9.06 -8.01
CA GLY B 147 -0.20 -10.11 -7.05
C GLY B 147 1.08 -10.81 -6.58
N ASP B 148 2.19 -10.53 -7.25
CA ASP B 148 3.50 -11.03 -6.81
C ASP B 148 3.93 -10.34 -5.52
N THR B 149 4.76 -11.03 -4.74
CA THR B 149 5.30 -10.46 -3.51
C THR B 149 6.56 -9.65 -3.80
N VAL B 150 6.61 -8.45 -3.23
CA VAL B 150 7.81 -7.62 -3.26
C VAL B 150 8.41 -7.55 -1.86
N SER B 151 9.70 -7.84 -1.73
CA SER B 151 10.32 -7.83 -0.42
C SER B 151 11.66 -7.11 -0.42
N MET B 152 12.02 -6.68 0.78
CA MET B 152 13.24 -5.93 1.02
C MET B 152 13.55 -6.02 2.51
N THR B 153 14.83 -6.07 2.86
CA THR B 153 15.20 -6.07 4.26
C THR B 153 16.07 -4.85 4.53
N ILE B 154 15.56 -3.97 5.38
CA ILE B 154 16.12 -2.64 5.59
C ILE B 154 16.50 -2.45 7.05
N ASN B 155 17.80 -2.31 7.31
CA ASN B 155 18.32 -2.26 8.68
C ASN B 155 17.89 -3.51 9.43
N GLY B 156 17.91 -4.64 8.74
CA GLY B 156 17.55 -5.89 9.37
C GLY B 156 16.06 -6.18 9.47
N THR B 157 15.21 -5.27 9.05
CA THR B 157 13.77 -5.50 9.13
C THR B 157 13.16 -5.79 7.76
N LEU B 158 12.41 -6.89 7.70
CA LEU B 158 11.70 -7.33 6.50
C LEU B 158 10.44 -6.53 6.23
N TYR B 159 10.37 -5.90 5.08
CA TYR B 159 9.13 -5.29 4.63
C TYR B 159 8.68 -5.98 3.36
N THR B 160 7.41 -6.35 3.28
CA THR B 160 6.87 -6.91 2.05
C THR B 160 5.60 -6.18 1.66
N THR B 161 5.28 -6.23 0.38
CA THR B 161 3.98 -5.82 -0.12
C THR B 161 3.68 -6.60 -1.39
N VAL B 162 2.61 -6.24 -2.06
CA VAL B 162 2.16 -7.00 -3.21
C VAL B 162 1.96 -6.04 -4.38
N VAL B 163 2.29 -6.51 -5.57
CA VAL B 163 2.12 -5.74 -6.79
C VAL B 163 0.65 -5.48 -7.11
N LEU B 164 0.32 -4.22 -7.39
CA LEU B 164 -1.03 -3.80 -7.78
C LEU B 164 -1.34 -4.15 -9.23
N ALA B 165 -2.59 -3.90 -9.64
CA ALA B 165 -3.07 -4.28 -10.98
C ALA B 165 -2.24 -3.60 -12.06
N ASN B 166 -1.85 -2.36 -11.82
CA ASN B 166 -1.06 -1.60 -12.79
C ASN B 166 0.46 -1.81 -12.69
N LYS B 167 0.87 -2.80 -11.90
CA LYS B 167 2.27 -3.23 -11.73
C LYS B 167 3.13 -2.28 -10.89
N THR B 168 2.53 -1.27 -10.28
CA THR B 168 3.23 -0.56 -9.22
C THR B 168 3.08 -1.27 -7.87
N TRP B 169 3.89 -0.82 -6.92
CA TRP B 169 3.85 -1.35 -5.56
C TRP B 169 4.35 -0.21 -4.66
N SER B 170 3.92 -0.18 -3.41
CA SER B 170 4.52 0.69 -2.41
C SER B 170 4.31 0.12 -1.02
N VAL B 171 5.17 0.52 -0.11
CA VAL B 171 5.05 0.09 1.26
C VAL B 171 5.68 1.13 2.19
N GLY B 172 5.02 1.36 3.32
CA GLY B 172 5.50 2.31 4.32
C GLY B 172 6.64 1.68 5.11
N VAL B 173 7.74 2.41 5.22
CA VAL B 173 8.94 1.91 5.87
C VAL B 173 9.30 2.88 7.01
N SER B 174 9.87 2.36 8.10
CA SER B 174 10.26 3.23 9.22
C SER B 174 11.43 4.11 8.80
N GLY B 175 11.23 5.43 8.95
CA GLY B 175 12.27 6.42 8.73
C GLY B 175 13.61 6.06 9.36
N SER B 176 13.58 5.51 10.55
CA SER B 176 14.83 5.19 11.21
C SER B 176 15.57 4.00 10.57
N ASP B 177 14.83 3.05 10.00
CA ASP B 177 15.50 1.98 9.26
C ASP B 177 16.21 2.57 8.04
N LEU B 178 15.54 3.48 7.33
CA LEU B 178 16.14 4.09 6.17
C LEU B 178 17.32 4.99 6.55
N ALA B 179 17.22 5.65 7.70
CA ALA B 179 18.34 6.46 8.24
C ALA B 179 19.57 5.62 8.52
N GLN B 180 19.36 4.32 8.76
CA GLN B 180 20.40 3.41 9.18
C GLN B 180 20.94 2.50 8.09
N ASP B 181 20.28 2.47 6.94
CA ASP B 181 20.64 1.53 5.87
C ASP B 181 20.43 2.22 4.53
N ASN B 182 21.49 2.76 3.93
CA ASN B 182 21.32 3.58 2.74
C ASN B 182 21.41 2.80 1.42
N SER B 183 21.58 1.49 1.52
CA SER B 183 21.63 0.64 0.34
C SER B 183 21.03 -0.72 0.69
N PHE B 184 20.00 -1.12 -0.03
CA PHE B 184 19.38 -2.42 0.19
C PHE B 184 18.81 -3.03 -1.11
N GLN B 185 18.70 -4.36 -1.15
CA GLN B 185 18.07 -5.06 -2.26
C GLN B 185 16.55 -5.13 -2.19
N VAL B 186 15.90 -4.82 -3.30
CA VAL B 186 14.47 -5.00 -3.38
C VAL B 186 14.20 -6.11 -4.43
N SER B 187 13.38 -7.10 -4.09
CA SER B 187 13.11 -8.22 -4.99
C SER B 187 11.65 -8.49 -5.24
N VAL B 188 11.37 -9.12 -6.38
CA VAL B 188 10.03 -9.60 -6.71
C VAL B 188 10.18 -11.04 -7.20
N THR B 189 9.37 -11.96 -6.70
CA THR B 189 9.43 -13.31 -7.24
C THR B 189 8.03 -13.76 -7.60
N GLY B 190 7.94 -14.74 -8.50
CA GLY B 190 6.67 -15.33 -8.83
C GLY B 190 6.88 -16.39 -9.90
N GLN B 191 5.82 -16.68 -10.63
CA GLN B 191 5.95 -17.63 -11.71
C GLN B 191 5.09 -17.19 -12.90
N ASP B 192 5.63 -17.43 -14.11
CA ASP B 192 4.97 -16.97 -15.31
C ASP B 192 3.79 -17.87 -15.65
N SER B 193 3.06 -17.52 -16.71
CA SER B 193 1.85 -18.24 -17.05
C SER B 193 2.10 -19.69 -17.49
N ALA B 194 3.34 -20.02 -17.89
CA ALA B 194 3.69 -21.41 -18.25
C ALA B 194 4.20 -22.20 -17.05
N GLY B 195 4.28 -21.57 -15.88
CA GLY B 195 4.71 -22.26 -14.69
C GLY B 195 6.18 -22.13 -14.34
N ASN B 196 6.91 -21.33 -15.10
CA ASN B 196 8.33 -21.10 -14.78
C ASN B 196 8.49 -20.12 -13.65
N PRO B 197 9.42 -20.41 -12.72
CA PRO B 197 9.72 -19.43 -11.68
C PRO B 197 10.53 -18.27 -12.27
N TYR B 198 10.36 -17.09 -11.70
CA TYR B 198 11.22 -15.95 -12.04
C TYR B 198 11.49 -15.18 -10.76
N ALA B 199 12.52 -14.33 -10.80
CA ALA B 199 12.89 -13.47 -9.70
C ALA B 199 13.53 -12.26 -10.34
N GLY B 200 13.17 -11.07 -9.89
CA GLY B 200 13.88 -9.85 -10.25
C GLY B 200 14.43 -9.12 -9.03
N THR B 201 15.55 -8.43 -9.21
CA THR B 201 16.16 -7.70 -8.14
C THR B 201 16.70 -6.38 -8.63
N THR B 202 16.87 -5.45 -7.69
CA THR B 202 17.45 -4.15 -7.96
C THR B 202 17.96 -3.61 -6.63
N THR B 203 18.95 -2.73 -6.71
CA THR B 203 19.48 -2.16 -5.51
C THR B 203 19.01 -0.73 -5.40
N SER B 204 18.38 -0.40 -4.27
CA SER B 204 18.01 0.98 -3.97
C SER B 204 19.05 1.61 -3.08
N THR B 205 19.49 2.79 -3.45
CA THR B 205 20.41 3.56 -2.62
C THR B 205 19.86 4.96 -2.40
N HIS B 206 20.22 5.55 -1.26
CA HIS B 206 19.86 6.92 -0.94
C HIS B 206 20.93 7.50 -0.02
N THR B 207 20.82 8.79 0.28
CA THR B 207 21.75 9.36 1.25
C THR B 207 20.97 9.79 2.47
N VAL B 208 21.66 9.87 3.59
CA VAL B 208 21.06 10.26 4.85
C VAL B 208 21.75 11.55 5.33
N ASP B 209 20.95 12.59 5.57
CA ASP B 209 21.44 13.89 6.02
C ASP B 209 20.48 14.41 7.06
N THR B 210 20.82 14.21 8.34
CA THR B 210 19.89 14.57 9.40
C THR B 210 20.30 15.82 10.19
N SER B 211 21.19 16.63 9.64
CA SER B 211 21.43 17.93 10.29
C SER B 211 21.95 19.02 9.36
N ALA B 212 21.56 20.23 9.71
CA ALA B 212 22.08 21.44 9.10
C ALA B 212 23.14 22.03 10.03
N ASP B 213 24.03 22.85 9.48
CA ASP B 213 25.23 23.28 10.20
C ASP B 213 25.15 24.76 10.53
N ALA B 214 25.32 25.06 11.83
CA ALA B 214 25.36 26.45 12.31
C ALA B 214 26.61 27.17 11.80
N GLY B 215 26.50 28.48 11.55
CA GLY B 215 27.68 29.27 11.21
C GLY B 215 28.19 30.10 12.38
N THR B 216 28.51 31.36 12.11
CA THR B 216 29.00 32.31 13.10
C THR B 216 28.18 33.55 12.90
N VAL B 217 27.55 34.01 13.98
CA VAL B 217 26.80 35.26 13.99
C VAL B 217 27.47 36.22 14.98
N THR B 218 27.70 37.46 14.56
CA THR B 218 28.25 38.47 15.43
C THR B 218 27.36 39.70 15.43
N VAL B 219 27.49 40.52 16.47
CA VAL B 219 26.81 41.80 16.52
C VAL B 219 27.87 42.88 16.68
N ASN B 220 27.78 43.90 15.84
CA ASN B 220 28.72 45.03 15.89
C ASN B 220 28.46 45.88 17.15
N ALA B 221 29.30 46.89 17.34
CA ALA B 221 29.09 47.86 18.39
C ALA B 221 27.73 48.50 18.25
N ILE B 222 27.09 48.76 19.37
CA ILE B 222 25.82 49.45 19.39
C ILE B 222 26.12 50.98 19.40
N THR B 223 25.98 51.62 18.24
CA THR B 223 26.61 52.92 17.89
C THR B 223 28.12 52.83 17.96
N SER B 224 28.83 53.88 17.56
CA SER B 224 30.27 53.76 17.35
C SER B 224 31.02 53.41 18.63
N ASP B 225 30.56 53.94 19.76
CA ASP B 225 31.24 53.70 21.03
C ASP B 225 30.58 52.63 21.89
N ASP B 226 29.55 51.98 21.37
CA ASP B 226 28.96 50.82 22.06
C ASP B 226 28.30 51.28 23.36
N VAL B 227 27.91 52.56 23.38
CA VAL B 227 27.22 53.16 24.51
C VAL B 227 26.00 53.91 24.02
N ILE B 228 24.86 53.70 24.66
CA ILE B 228 23.67 54.46 24.32
C ILE B 228 23.63 55.75 25.16
N ASN B 229 23.76 56.91 24.53
CA ASN B 229 23.57 58.19 25.24
C ASN B 229 22.12 58.65 25.19
N ALA B 230 21.82 59.77 25.86
CA ALA B 230 20.46 60.32 25.86
C ALA B 230 19.88 60.53 24.43
N SER B 231 20.67 61.11 23.54
CA SER B 231 20.21 61.43 22.19
C SER B 231 19.95 60.17 21.36
N GLU B 232 20.88 59.24 21.40
CA GLU B 232 20.72 57.94 20.77
C GLU B 232 19.48 57.22 21.30
N ALA B 233 19.29 57.29 22.63
CA ALA B 233 18.10 56.73 23.27
C ALA B 233 16.78 57.37 22.82
N ALA B 234 16.80 58.67 22.53
CA ALA B 234 15.64 59.37 21.99
C ALA B 234 15.26 58.88 20.59
N GLY B 235 16.24 58.41 19.83
CA GLY B 235 16.02 58.15 18.41
C GLY B 235 16.07 56.71 17.97
N THR B 236 16.60 56.51 16.77
CA THR B 236 16.71 55.19 16.17
C THR B 236 18.18 54.79 16.07
N VAL B 237 18.47 53.54 16.39
CA VAL B 237 19.82 53.04 16.26
C VAL B 237 19.84 51.85 15.27
N ALA B 238 20.79 51.87 14.33
CA ALA B 238 20.97 50.77 13.39
C ALA B 238 21.79 49.68 14.04
N VAL B 239 21.14 48.57 14.38
CA VAL B 239 21.88 47.44 14.93
C VAL B 239 22.27 46.49 13.81
N SER B 240 23.57 46.21 13.75
CA SER B 240 24.11 45.45 12.64
C SER B 240 25.06 44.38 13.11
N GLY B 241 25.35 43.44 12.21
CA GLY B 241 26.24 42.35 12.51
C GLY B 241 26.55 41.53 11.29
N THR B 242 27.16 40.37 11.51
CA THR B 242 27.51 39.45 10.46
C THR B 242 26.80 38.10 10.69
N ALA B 243 26.79 37.28 9.66
CA ALA B 243 26.12 35.96 9.68
C ALA B 243 26.71 35.23 8.49
N THR B 244 27.68 34.35 8.77
CA THR B 244 28.38 33.57 7.76
C THR B 244 28.74 32.17 8.28
N GLY B 245 29.14 31.29 7.35
CA GLY B 245 29.60 29.96 7.69
C GLY B 245 28.46 28.94 7.74
N GLY B 246 28.80 27.67 7.87
CA GLY B 246 27.79 26.61 7.99
C GLY B 246 26.82 26.72 6.82
N ASP B 247 25.54 26.56 7.10
CA ASP B 247 24.52 26.66 6.06
C ASP B 247 23.86 28.03 5.99
N ILE B 248 24.48 29.02 6.65
CA ILE B 248 23.95 30.38 6.62
C ILE B 248 23.98 30.90 5.20
N ALA B 249 22.92 31.57 4.77
CA ALA B 249 22.86 32.00 3.40
C ALA B 249 22.16 33.33 3.28
N GLU B 250 22.49 34.09 2.25
CA GLU B 250 21.76 35.30 1.89
C GLU B 250 20.25 35.05 1.94
N GLY B 251 19.51 35.94 2.57
CA GLY B 251 18.08 35.78 2.70
C GLY B 251 17.61 35.10 3.97
N ASP B 252 18.51 34.47 4.72
CA ASP B 252 18.13 33.85 5.98
C ASP B 252 17.54 34.91 6.91
N THR B 253 16.60 34.51 7.77
CA THR B 253 16.00 35.45 8.71
C THR B 253 16.92 35.64 9.90
N VAL B 254 17.08 36.91 10.29
CA VAL B 254 17.77 37.29 11.50
C VAL B 254 16.77 37.84 12.51
N THR B 255 16.74 37.27 13.71
CA THR B 255 15.76 37.69 14.72
C THR B 255 16.46 38.23 15.96
N LEU B 256 15.99 39.39 16.44
CA LEU B 256 16.50 39.98 17.67
C LEU B 256 15.36 40.21 18.64
N GLU B 257 15.51 39.76 19.88
CA GLU B 257 14.50 40.03 20.89
C GLU B 257 15.10 41.11 21.79
N ILE B 258 14.61 42.36 21.70
CA ILE B 258 15.14 43.45 22.51
C ILE B 258 14.04 44.15 23.29
N ASN B 259 14.16 44.16 24.61
CA ASN B 259 13.16 44.77 25.49
C ASN B 259 11.74 44.27 25.22
N GLY B 260 11.58 42.95 25.09
CA GLY B 260 10.27 42.41 24.81
C GLY B 260 9.82 42.62 23.38
N GLU B 261 10.63 43.27 22.57
CA GLU B 261 10.24 43.59 21.20
C GLU B 261 10.97 42.69 20.21
N THR B 262 10.28 42.25 19.17
CA THR B 262 10.90 41.42 18.16
C THR B 262 11.29 42.25 16.96
N TYR B 263 12.55 42.16 16.56
CA TYR B 263 13.00 42.84 15.37
C TYR B 263 13.52 41.80 14.41
N THR B 264 13.23 41.96 13.14
CA THR B 264 13.72 40.99 12.16
C THR B 264 14.27 41.64 10.91
N THR B 265 15.19 40.94 10.27
CA THR B 265 15.78 41.37 9.02
C THR B 265 16.31 40.13 8.33
N THR B 266 17.06 40.29 7.25
CA THR B 266 17.60 39.12 6.57
C THR B 266 19.09 39.28 6.30
N VAL B 267 19.79 38.16 6.11
CA VAL B 267 21.20 38.24 5.81
C VAL B 267 21.35 38.73 4.38
N ASP B 268 22.32 39.61 4.12
CA ASP B 268 22.52 40.09 2.77
C ASP B 268 23.62 39.35 2.07
N ALA B 269 23.92 39.79 0.85
CA ALA B 269 24.85 39.06 -0.02
C ALA B 269 26.30 39.14 0.47
N ASN B 270 26.58 40.13 1.31
CA ASN B 270 27.89 40.27 1.92
C ASN B 270 28.12 39.48 3.20
N GLY B 271 27.07 38.79 3.67
CA GLY B 271 27.10 38.17 4.98
C GLY B 271 26.91 39.15 6.15
N GLU B 272 26.25 40.27 5.87
CA GLU B 272 25.93 41.22 6.90
C GLU B 272 24.43 41.33 7.13
N TRP B 273 24.04 41.97 8.22
CA TRP B 273 22.63 42.24 8.45
C TRP B 273 22.53 43.54 9.24
N SER B 274 21.43 44.25 9.03
CA SER B 274 21.19 45.46 9.79
C SER B 274 19.70 45.62 10.01
N VAL B 275 19.33 46.13 11.17
CA VAL B 275 17.93 46.42 11.45
C VAL B 275 17.83 47.64 12.37
N ASP B 276 16.83 48.47 12.13
CA ASP B 276 16.64 49.67 12.91
C ASP B 276 15.86 49.38 14.19
N VAL B 277 16.43 49.81 15.31
CA VAL B 277 15.89 49.51 16.65
C VAL B 277 15.56 50.80 17.40
N ALA B 278 14.45 50.82 18.13
CA ALA B 278 14.16 51.96 19.00
C ALA B 278 15.27 52.13 20.03
N GLY B 279 15.77 53.36 20.12
CA GLY B 279 16.79 53.67 21.11
C GLY B 279 16.27 53.36 22.49
N SER B 280 14.98 53.57 22.69
CA SER B 280 14.36 53.30 23.98
C SER B 280 14.41 51.81 24.35
N ASP B 281 14.30 50.92 23.36
CA ASP B 281 14.43 49.51 23.68
C ASP B 281 15.86 49.19 24.09
N LEU B 282 16.83 49.77 23.41
CA LEU B 282 18.23 49.55 23.74
C LEU B 282 18.61 50.16 25.10
N ALA B 283 17.97 51.27 25.47
CA ALA B 283 18.18 51.87 26.79
C ALA B 283 17.73 50.96 27.94
N ALA B 284 16.74 50.10 27.68
CA ALA B 284 16.16 49.26 28.73
C ALA B 284 16.79 47.86 28.75
N ASP B 285 17.43 47.47 27.67
CA ASP B 285 17.90 46.10 27.52
C ASP B 285 19.38 46.12 27.07
N THR B 286 20.27 45.88 28.01
CA THR B 286 21.71 46.01 27.77
C THR B 286 22.42 44.76 27.24
N ALA B 287 21.67 43.69 26.99
CA ALA B 287 22.26 42.48 26.42
C ALA B 287 21.20 41.68 25.69
N PHE B 288 21.52 41.23 24.49
CA PHE B 288 20.56 40.49 23.70
C PHE B 288 21.27 39.63 22.66
N ASP B 289 20.54 38.67 22.11
CA ASP B 289 21.04 37.74 21.11
C ASP B 289 20.52 38.08 19.71
N ALA B 290 21.32 37.80 18.69
CA ALA B 290 20.80 37.80 17.33
C ALA B 290 20.79 36.34 16.86
N VAL B 291 19.63 35.86 16.39
CA VAL B 291 19.53 34.48 15.99
C VAL B 291 19.22 34.38 14.48
N VAL B 292 20.07 33.67 13.76
CA VAL B 292 19.85 33.46 12.32
C VAL B 292 19.31 32.04 12.12
N THR B 293 18.21 31.93 11.38
CA THR B 293 17.57 30.64 11.04
C THR B 293 17.97 30.21 9.63
N SER B 294 18.69 29.08 9.54
CA SER B 294 19.13 28.55 8.26
C SER B 294 18.62 27.12 7.96
N SER B 295 18.87 26.67 6.74
CA SER B 295 18.51 25.32 6.33
C SER B 295 19.49 24.80 5.28
N ASP B 296 19.67 23.47 5.21
CA ASP B 296 20.46 22.87 4.15
C ASP B 296 19.55 22.41 3.01
N ALA B 297 20.14 21.91 1.93
CA ALA B 297 19.36 21.52 0.76
C ALA B 297 18.37 20.39 1.05
N ALA B 298 18.74 19.48 1.96
CA ALA B 298 17.84 18.42 2.41
C ALA B 298 16.65 18.93 3.22
N GLY B 299 16.69 20.17 3.68
CA GLY B 299 15.56 20.72 4.44
C GLY B 299 15.68 20.69 5.96
N ASN B 300 16.82 20.29 6.48
CA ASN B 300 17.04 20.41 7.92
C ASN B 300 17.17 21.89 8.22
N THR B 301 16.87 22.28 9.45
CA THR B 301 17.02 23.68 9.85
C THR B 301 17.92 23.81 11.05
N VAL B 302 18.47 25.01 11.23
CA VAL B 302 19.39 25.25 12.31
C VAL B 302 19.44 26.73 12.62
N ASP B 303 19.49 27.01 13.93
CA ASP B 303 19.67 28.35 14.45
C ASP B 303 21.13 28.64 14.81
N THR B 304 21.65 29.80 14.37
CA THR B 304 22.98 30.22 14.81
C THR B 304 22.82 31.48 15.64
N THR B 305 23.48 31.52 16.79
CA THR B 305 23.30 32.60 17.76
C THR B 305 24.56 33.46 17.95
N GLY B 306 24.41 34.77 17.91
CA GLY B 306 25.46 35.70 18.34
C GLY B 306 24.92 36.61 19.43
N SER B 307 25.76 36.96 20.40
CA SER B 307 25.35 37.71 21.60
C SER B 307 25.95 39.09 21.65
N SER B 308 25.21 40.04 22.23
CA SER B 308 25.63 41.44 22.26
C SER B 308 25.41 42.01 23.64
N THR B 309 26.30 42.91 24.05
CA THR B 309 26.15 43.68 25.27
C THR B 309 26.50 45.13 24.96
N HIS B 310 25.85 46.05 25.63
CA HIS B 310 26.26 47.44 25.54
C HIS B 310 25.91 48.10 26.87
N THR B 311 26.40 49.32 27.05
CA THR B 311 26.07 50.12 28.22
C THR B 311 25.27 51.33 27.85
N VAL B 312 24.68 51.96 28.87
CA VAL B 312 23.75 53.06 28.70
C VAL B 312 24.28 54.17 29.60
N ASP B 313 24.34 55.38 29.06
CA ASP B 313 24.83 56.55 29.77
C ASP B 313 23.95 57.73 29.40
N LEU B 314 22.88 57.92 30.18
CA LEU B 314 21.93 58.97 29.87
C LEU B 314 22.32 60.32 30.46
N GLU B 315 23.48 60.82 30.05
CA GLU B 315 23.89 62.21 30.31
C GLU B 315 25.21 62.54 29.62
#